data_5M76
#
_entry.id   5M76
#
_cell.length_a   55.493
_cell.length_b   71.417
_cell.length_c   103.929
_cell.angle_alpha   90.00
_cell.angle_beta   90.00
_cell.angle_gamma   90.00
#
_symmetry.space_group_name_H-M   'P 21 21 21'
#
loop_
_entity.id
_entity.type
_entity.pdbx_description
1 polymer 'light chain dimer'
2 non-polymer 'BROMIDE ION'
3 water water
#
_entity_poly.entity_id   1
_entity_poly.type   'polypeptide(L)'
_entity_poly.pdbx_seq_one_letter_code
;QSALTQEASVSGTVGQKVTLSCTGNTNNIGSYPVGWYQQISHGPPKTVMFGNSLPSGIPDRFSGSKSGTTASLTISGLQP
EDEADYYCSTWDSSLSVQVIGGGTKVTVLGQPKAAPSVTLFPPSSEELQANKATLVCLISDFYPGAVTVAWKADSSPVKA
GVETTTPSKQSNNKYAASSYLSLTPEQWKSHRSYSCQVTHEGSTVEKTVAPTECS
;
_entity_poly.pdbx_strand_id   A,B
#
# COMPACT_ATOMS: atom_id res chain seq x y z
N SER A 2 -0.37 24.77 7.91
CA SER A 2 -1.28 24.59 6.79
C SER A 2 -2.09 25.85 6.52
N ALA A 3 -2.30 26.16 5.25
CA ALA A 3 -3.22 27.23 4.88
C ALA A 3 -4.67 26.79 4.95
N LEU A 4 -4.93 25.48 4.97
CA LEU A 4 -6.26 24.92 5.09
C LEU A 4 -6.35 24.13 6.38
N THR A 5 -7.44 24.32 7.12
CA THR A 5 -7.62 23.74 8.44
C THR A 5 -8.68 22.64 8.39
N GLN A 6 -8.32 21.45 8.87
CA GLN A 6 -9.22 20.32 8.97
C GLN A 6 -9.14 19.72 10.36
N GLU A 7 -10.25 19.12 10.80
CA GLU A 7 -10.24 18.38 12.05
C GLU A 7 -9.37 17.13 11.93
N ALA A 8 -8.73 16.76 13.03
CA ALA A 8 -7.74 15.68 12.98
C ALA A 8 -8.40 14.33 12.76
N SER A 9 -9.50 14.05 13.46
CA SER A 9 -10.12 12.74 13.38
C SER A 9 -11.61 12.87 13.65
N VAL A 10 -12.39 11.99 13.00
CA VAL A 10 -13.84 11.91 13.16
C VAL A 10 -14.25 10.45 13.08
N SER A 11 -15.17 10.04 13.95
CA SER A 11 -15.63 8.66 13.98
C SER A 11 -17.15 8.62 13.89
N GLY A 12 -17.67 7.45 13.53
CA GLY A 12 -19.10 7.24 13.41
C GLY A 12 -19.43 5.80 13.08
N THR A 13 -20.53 5.29 13.63
CA THR A 13 -20.91 3.91 13.41
C THR A 13 -21.42 3.72 11.98
N VAL A 14 -21.61 2.46 11.62
CA VAL A 14 -22.10 2.11 10.28
C VAL A 14 -23.52 2.63 10.13
N GLY A 15 -23.75 3.45 9.10
CA GLY A 15 -25.04 4.05 8.85
C GLY A 15 -25.19 5.48 9.31
N GLN A 16 -24.23 6.01 10.06
CA GLN A 16 -24.30 7.38 10.53
C GLN A 16 -24.01 8.36 9.39
N LYS A 17 -24.45 9.60 9.58
CA LYS A 17 -24.09 10.71 8.71
C LYS A 17 -22.95 11.48 9.35
N VAL A 18 -21.89 11.73 8.58
CA VAL A 18 -20.69 12.38 9.06
C VAL A 18 -20.35 13.54 8.12
N THR A 19 -19.89 14.65 8.70
CA THR A 19 -19.55 15.85 7.94
C THR A 19 -18.14 16.27 8.30
N LEU A 20 -17.26 16.36 7.29
CA LEU A 20 -15.94 16.93 7.44
C LEU A 20 -15.94 18.36 6.90
N SER A 21 -15.07 19.20 7.46
CA SER A 21 -15.03 20.60 7.11
C SER A 21 -13.62 21.00 6.67
N CYS A 22 -13.56 21.98 5.77
CA CYS A 22 -12.30 22.51 5.25
C CYS A 22 -12.37 24.03 5.36
N THR A 23 -11.52 24.58 6.22
CA THR A 23 -11.53 26.01 6.55
C THR A 23 -10.34 26.70 5.89
N GLY A 24 -10.57 27.88 5.31
CA GLY A 24 -9.53 28.55 4.56
C GLY A 24 -9.53 30.07 4.52
N ASN A 25 -9.56 30.62 3.32
CA ASN A 25 -9.38 32.05 3.08
C ASN A 25 -10.37 32.50 2.00
N THR A 26 -10.26 33.77 1.61
CA THR A 26 -10.97 34.24 0.43
C THR A 26 -10.18 34.00 -0.85
N ASN A 27 -8.85 34.04 -0.77
CA ASN A 27 -8.01 33.81 -1.94
C ASN A 27 -7.81 32.34 -2.26
N ASN A 28 -8.34 31.43 -1.45
CA ASN A 28 -8.24 30.00 -1.78
C ASN A 28 -9.60 29.32 -1.72
N ILE A 29 -10.12 29.05 -0.52
CA ILE A 29 -11.37 28.35 -0.39
C ILE A 29 -12.55 29.23 -0.80
N GLY A 30 -12.50 30.51 -0.43
CA GLY A 30 -13.61 31.41 -0.71
C GLY A 30 -13.80 31.73 -2.18
N SER A 31 -12.84 31.40 -3.04
CA SER A 31 -12.90 31.80 -4.44
C SER A 31 -12.87 30.65 -5.44
N TYR A 32 -12.35 29.50 -5.07
CA TYR A 32 -12.08 28.42 -6.01
C TYR A 32 -12.76 27.14 -5.57
N PRO A 33 -13.02 26.22 -6.49
CA PRO A 33 -13.67 24.95 -6.12
C PRO A 33 -12.75 24.08 -5.28
N VAL A 34 -13.35 23.36 -4.34
CA VAL A 34 -12.64 22.50 -3.40
C VAL A 34 -12.72 21.06 -3.88
N GLY A 35 -11.62 20.34 -3.77
CA GLY A 35 -11.58 18.92 -4.08
C GLY A 35 -11.25 18.11 -2.83
N TRP A 36 -11.86 16.93 -2.72
CA TRP A 36 -11.65 16.04 -1.60
C TRP A 36 -11.02 14.74 -2.10
N TYR A 37 -10.05 14.22 -1.33
CA TYR A 37 -9.26 13.07 -1.74
C TYR A 37 -9.19 12.06 -0.61
N GLN A 38 -9.37 10.81 -0.97
CA GLN A 38 -9.41 9.73 0.00
C GLN A 38 -8.20 8.83 -0.16
N GLN A 39 -7.48 8.63 0.93
CA GLN A 39 -6.32 7.76 0.95
C GLN A 39 -6.51 6.61 1.93
N ILE A 40 -6.32 5.38 1.47
CA ILE A 40 -6.47 4.23 2.32
C ILE A 40 -5.20 3.40 2.34
N SER A 41 -4.92 2.74 3.46
CA SER A 41 -3.73 1.88 3.64
C SER A 41 -2.51 2.49 3.00
N HIS A 42 -2.47 3.82 2.95
CA HIS A 42 -1.43 4.53 2.25
C HIS A 42 -1.37 3.97 0.85
N GLY A 43 -2.55 3.87 0.25
CA GLY A 43 -2.72 3.39 -1.10
C GLY A 43 -2.85 4.54 -2.07
N PRO A 44 -3.22 4.21 -3.37
CA PRO A 44 -3.33 5.37 -4.27
C PRO A 44 -4.54 6.15 -3.88
N PRO A 45 -4.42 7.46 -3.74
CA PRO A 45 -5.58 8.22 -3.33
C PRO A 45 -6.56 8.48 -4.45
N LYS A 46 -7.81 8.58 -4.07
CA LYS A 46 -8.87 8.80 -5.00
C LYS A 46 -9.67 10.03 -4.65
N THR A 47 -10.00 10.84 -5.64
CA THR A 47 -10.83 12.01 -5.39
C THR A 47 -12.29 11.60 -5.28
N VAL A 48 -12.96 12.06 -4.23
CA VAL A 48 -14.33 11.70 -3.96
C VAL A 48 -15.30 12.84 -4.20
N MET A 49 -14.81 14.07 -4.37
CA MET A 49 -15.67 15.23 -4.58
C MET A 49 -14.85 16.40 -5.11
N PHE A 50 -15.28 16.98 -6.24
CA PHE A 50 -14.62 18.16 -6.79
C PHE A 50 -15.68 19.22 -7.06
N GLY A 51 -15.46 20.40 -6.49
CA GLY A 51 -16.37 21.52 -6.70
C GLY A 51 -17.81 21.21 -6.29
N ASN A 52 -17.98 20.47 -5.20
CA ASN A 52 -19.29 20.09 -4.67
C ASN A 52 -20.10 19.27 -5.67
N SER A 53 -19.42 18.60 -6.60
CA SER A 53 -20.06 17.73 -7.58
C SER A 53 -19.44 16.34 -7.49
N LEU A 54 -20.27 15.33 -7.71
CA LEU A 54 -19.88 13.94 -7.47
C LEU A 54 -19.20 13.35 -8.69
N PRO A 55 -17.98 12.84 -8.58
CA PRO A 55 -17.33 12.19 -9.72
C PRO A 55 -18.01 10.87 -10.06
N SER A 56 -17.58 10.29 -11.18
CA SER A 56 -18.12 9.01 -11.61
C SER A 56 -17.62 7.89 -10.71
N GLY A 57 -18.50 6.92 -10.44
CA GLY A 57 -18.15 5.78 -9.63
C GLY A 57 -18.27 5.98 -8.14
N ILE A 58 -18.20 7.22 -7.66
CA ILE A 58 -18.33 7.49 -6.23
C ILE A 58 -19.81 7.48 -5.86
N PRO A 59 -20.21 6.75 -4.82
CA PRO A 59 -21.64 6.59 -4.52
C PRO A 59 -22.30 7.89 -4.11
N ASP A 60 -23.64 7.86 -4.13
CA ASP A 60 -24.44 9.04 -3.82
C ASP A 60 -24.30 9.51 -2.38
N ARG A 61 -23.86 8.62 -1.47
CA ARG A 61 -23.76 8.97 -0.07
C ARG A 61 -22.77 10.11 0.18
N PHE A 62 -21.91 10.41 -0.79
CA PHE A 62 -20.97 11.51 -0.69
C PHE A 62 -21.61 12.76 -1.30
N SER A 63 -21.68 13.83 -0.51
CA SER A 63 -22.20 15.11 -0.97
C SER A 63 -21.27 16.22 -0.53
N GLY A 64 -21.26 17.30 -1.29
CA GLY A 64 -20.37 18.42 -1.02
C GLY A 64 -21.13 19.72 -0.91
N SER A 65 -20.71 20.56 0.03
CA SER A 65 -21.28 21.89 0.22
C SER A 65 -20.17 22.87 0.54
N LYS A 66 -20.49 24.15 0.42
CA LYS A 66 -19.50 25.20 0.65
C LYS A 66 -20.23 26.52 0.88
N SER A 67 -19.77 27.28 1.87
CA SER A 67 -20.35 28.59 2.18
C SER A 67 -19.26 29.45 2.76
N GLY A 68 -18.93 30.55 2.08
CA GLY A 68 -17.89 31.43 2.57
C GLY A 68 -16.53 30.78 2.41
N THR A 69 -15.76 30.76 3.49
CA THR A 69 -14.42 30.19 3.49
C THR A 69 -14.37 28.82 4.17
N THR A 70 -15.50 28.10 4.18
CA THR A 70 -15.57 26.78 4.79
C THR A 70 -16.31 25.84 3.86
N ALA A 71 -15.62 24.82 3.36
CA ALA A 71 -16.21 23.79 2.53
C ALA A 71 -16.42 22.53 3.35
N SER A 72 -17.42 21.75 2.99
CA SER A 72 -17.83 20.58 3.77
C SER A 72 -18.05 19.38 2.87
N LEU A 73 -17.64 18.21 3.36
CA LEU A 73 -17.93 16.93 2.73
C LEU A 73 -18.76 16.11 3.71
N THR A 74 -19.93 15.66 3.26
CA THR A 74 -20.85 14.91 4.10
C THR A 74 -20.98 13.49 3.57
N ILE A 75 -20.80 12.51 4.46
CA ILE A 75 -20.88 11.10 4.12
C ILE A 75 -22.05 10.51 4.88
N SER A 76 -23.19 10.37 4.21
CA SER A 76 -24.33 9.69 4.79
C SER A 76 -24.12 8.18 4.72
N GLY A 77 -24.66 7.47 5.71
CA GLY A 77 -24.54 6.03 5.77
C GLY A 77 -23.15 5.41 5.75
N LEU A 78 -22.36 5.68 6.78
CA LEU A 78 -20.96 5.27 6.79
C LEU A 78 -20.82 3.78 6.56
N GLN A 79 -19.90 3.42 5.68
CA GLN A 79 -19.59 2.04 5.35
C GLN A 79 -18.15 1.72 5.73
N PRO A 80 -17.80 0.44 5.86
CA PRO A 80 -16.41 0.11 6.20
C PRO A 80 -15.39 0.65 5.22
N GLU A 81 -15.74 0.71 3.92
CA GLU A 81 -14.79 1.22 2.94
C GLU A 81 -14.62 2.73 3.00
N ASP A 82 -15.50 3.44 3.70
CA ASP A 82 -15.35 4.88 3.85
C ASP A 82 -14.25 5.25 4.83
N GLU A 83 -13.87 4.32 5.71
CA GLU A 83 -12.82 4.55 6.69
C GLU A 83 -11.49 4.89 6.00
N ALA A 84 -11.01 6.12 6.17
CA ALA A 84 -9.85 6.59 5.43
C ALA A 84 -9.38 7.92 6.01
N ASP A 85 -8.34 8.47 5.40
CA ASP A 85 -7.92 9.84 5.61
C ASP A 85 -8.40 10.67 4.43
N TYR A 86 -9.03 11.81 4.72
CA TYR A 86 -9.60 12.67 3.70
C TYR A 86 -8.91 14.02 3.71
N TYR A 87 -8.42 14.44 2.54
CA TYR A 87 -7.73 15.71 2.39
C TYR A 87 -8.54 16.63 1.47
N CYS A 88 -8.50 17.92 1.78
CA CYS A 88 -9.10 18.94 0.94
C CYS A 88 -8.02 19.84 0.38
N SER A 89 -8.23 20.33 -0.83
CA SER A 89 -7.24 21.18 -1.48
C SER A 89 -7.95 22.13 -2.43
N THR A 90 -7.32 23.28 -2.66
CA THR A 90 -7.81 24.25 -3.61
C THR A 90 -6.63 25.04 -4.15
N TRP A 91 -6.94 26.06 -4.96
CA TRP A 91 -5.96 26.97 -5.50
C TRP A 91 -5.92 28.24 -4.66
N ASP A 92 -4.73 28.63 -4.24
CA ASP A 92 -4.56 29.88 -3.50
C ASP A 92 -4.19 30.99 -4.46
N SER A 93 -4.71 32.19 -4.21
CA SER A 93 -4.47 33.31 -5.11
C SER A 93 -3.47 34.33 -4.58
N SER A 94 -3.40 34.53 -3.27
CA SER A 94 -2.33 35.36 -2.71
C SER A 94 -0.98 34.76 -3.03
N LEU A 95 -0.75 33.52 -2.58
CA LEU A 95 0.29 32.69 -3.15
C LEU A 95 -0.19 32.16 -4.51
N SER A 96 0.65 31.42 -5.21
CA SER A 96 0.28 30.81 -6.48
C SER A 96 0.59 29.32 -6.43
N VAL A 97 -0.14 28.60 -5.58
CA VAL A 97 0.11 27.18 -5.37
C VAL A 97 -1.21 26.48 -5.04
N GLN A 98 -1.27 25.19 -5.39
CA GLN A 98 -2.23 24.30 -4.77
C GLN A 98 -1.86 24.11 -3.30
N VAL A 99 -2.82 24.28 -2.41
CA VAL A 99 -2.60 24.15 -0.98
C VAL A 99 -3.47 23.03 -0.44
N ILE A 100 -2.93 22.27 0.51
CA ILE A 100 -3.57 21.06 1.02
C ILE A 100 -3.70 21.16 2.54
N GLY A 101 -4.81 20.66 3.07
CA GLY A 101 -5.03 20.63 4.50
C GLY A 101 -4.34 19.43 5.16
N GLY A 102 -4.44 19.41 6.49
CA GLY A 102 -3.78 18.36 7.26
C GLY A 102 -4.41 16.99 7.13
N GLY A 103 -5.67 16.93 6.76
CA GLY A 103 -6.34 15.65 6.60
C GLY A 103 -7.21 15.29 7.79
N THR A 104 -8.23 14.49 7.52
CA THR A 104 -9.17 14.03 8.55
C THR A 104 -9.22 12.52 8.51
N LYS A 105 -8.94 11.88 9.64
CA LYS A 105 -8.96 10.42 9.76
C LYS A 105 -10.37 9.99 10.16
N VAL A 106 -11.08 9.34 9.26
CA VAL A 106 -12.44 8.86 9.52
C VAL A 106 -12.36 7.40 9.97
N THR A 107 -12.88 7.13 11.16
CA THR A 107 -12.91 5.79 11.73
C THR A 107 -14.36 5.32 11.77
N VAL A 108 -14.63 4.19 11.13
CA VAL A 108 -15.98 3.62 11.08
C VAL A 108 -16.11 2.58 12.18
N LEU A 109 -17.01 2.85 13.12
CA LEU A 109 -17.21 2.00 14.29
C LEU A 109 -18.24 0.90 13.99
N GLY A 110 -18.19 -0.14 14.81
CA GLY A 110 -19.17 -1.22 14.70
C GLY A 110 -19.05 -2.07 13.47
N GLN A 111 -17.85 -2.17 12.90
CA GLN A 111 -17.66 -3.03 11.74
C GLN A 111 -17.72 -4.51 12.16
N PRO A 112 -18.18 -5.38 11.28
CA PRO A 112 -18.39 -6.78 11.67
C PRO A 112 -17.06 -7.49 11.96
N LYS A 113 -17.07 -8.31 13.00
CA LYS A 113 -15.92 -9.12 13.35
C LYS A 113 -15.81 -10.31 12.40
N ALA A 114 -14.60 -10.86 12.31
CA ALA A 114 -14.35 -12.00 11.44
C ALA A 114 -13.10 -12.71 11.92
N ALA A 115 -13.20 -14.02 12.13
CA ALA A 115 -12.05 -14.80 12.54
C ALA A 115 -11.08 -14.95 11.37
N PRO A 116 -9.77 -15.00 11.64
CA PRO A 116 -8.80 -15.11 10.55
C PRO A 116 -8.78 -16.49 9.94
N SER A 117 -8.59 -16.53 8.61
CA SER A 117 -8.33 -17.77 7.91
C SER A 117 -6.82 -17.97 7.84
N VAL A 118 -6.34 -19.08 8.39
CA VAL A 118 -4.92 -19.34 8.53
C VAL A 118 -4.52 -20.44 7.56
N THR A 119 -3.44 -20.21 6.81
CA THR A 119 -2.89 -21.19 5.88
C THR A 119 -1.40 -21.32 6.14
N LEU A 120 -0.97 -22.51 6.51
CA LEU A 120 0.44 -22.78 6.80
C LEU A 120 1.09 -23.46 5.61
N PHE A 121 2.18 -22.88 5.12
CA PHE A 121 2.86 -23.39 3.94
C PHE A 121 4.16 -24.08 4.32
N PRO A 122 4.39 -25.30 3.85
CA PRO A 122 5.66 -25.96 4.09
C PRO A 122 6.74 -25.35 3.21
N PRO A 123 8.02 -25.56 3.55
CA PRO A 123 9.09 -25.06 2.67
C PRO A 123 8.98 -25.65 1.28
N SER A 124 9.11 -24.79 0.26
CA SER A 124 8.92 -25.20 -1.11
C SER A 124 10.08 -26.09 -1.57
N SER A 125 9.87 -26.78 -2.69
CA SER A 125 10.91 -27.63 -3.25
C SER A 125 12.03 -26.81 -3.88
N GLU A 126 11.73 -25.60 -4.34
CA GLU A 126 12.77 -24.76 -4.93
C GLU A 126 13.81 -24.36 -3.89
N GLU A 127 13.37 -24.08 -2.66
CA GLU A 127 14.30 -23.60 -1.63
C GLU A 127 14.89 -24.72 -0.80
N LEU A 128 14.25 -25.89 -0.75
CA LEU A 128 14.87 -27.03 -0.08
C LEU A 128 16.06 -27.54 -0.89
N GLN A 129 15.96 -27.51 -2.22
CA GLN A 129 17.10 -27.88 -3.05
C GLN A 129 18.22 -26.86 -2.95
N ALA A 130 17.89 -25.61 -2.63
CA ALA A 130 18.88 -24.58 -2.37
C ALA A 130 19.38 -24.59 -0.93
N ASN A 131 19.08 -25.65 -0.18
CA ASN A 131 19.51 -25.80 1.21
C ASN A 131 18.96 -24.67 2.08
N LYS A 132 17.74 -24.25 1.80
CA LYS A 132 17.01 -23.30 2.62
C LYS A 132 15.69 -23.91 3.08
N ALA A 133 15.08 -23.28 4.07
CA ALA A 133 13.79 -23.74 4.59
C ALA A 133 13.06 -22.57 5.22
N THR A 134 11.83 -22.34 4.78
CA THR A 134 11.03 -21.23 5.29
C THR A 134 9.57 -21.65 5.36
N LEU A 135 8.99 -21.54 6.55
CA LEU A 135 7.56 -21.74 6.75
C LEU A 135 6.87 -20.38 6.75
N VAL A 136 5.74 -20.30 6.07
CA VAL A 136 4.96 -19.06 5.98
C VAL A 136 3.56 -19.33 6.48
N CYS A 137 3.11 -18.51 7.44
CA CYS A 137 1.80 -18.63 8.05
C CYS A 137 0.97 -17.45 7.57
N LEU A 138 0.12 -17.68 6.58
CA LEU A 138 -0.71 -16.62 6.00
C LEU A 138 -1.95 -16.42 6.85
N ILE A 139 -2.18 -15.18 7.29
CA ILE A 139 -3.32 -14.82 8.12
C ILE A 139 -4.11 -13.75 7.36
N SER A 140 -5.40 -14.00 7.15
CA SER A 140 -6.18 -13.12 6.30
C SER A 140 -7.64 -13.12 6.71
N ASP A 141 -8.38 -12.13 6.20
CA ASP A 141 -9.83 -12.04 6.32
C ASP A 141 -10.28 -11.88 7.78
N PHE A 142 -9.51 -11.14 8.57
CA PHE A 142 -9.83 -10.96 9.98
C PHE A 142 -10.06 -9.49 10.30
N TYR A 143 -11.04 -9.25 11.17
CA TYR A 143 -11.29 -7.94 11.74
C TYR A 143 -11.67 -8.11 13.20
N PRO A 144 -11.11 -7.28 14.09
CA PRO A 144 -10.20 -6.15 13.84
C PRO A 144 -8.78 -6.58 13.49
N GLY A 145 -7.92 -5.61 13.20
CA GLY A 145 -6.58 -5.90 12.75
C GLY A 145 -5.54 -5.95 13.85
N ALA A 146 -5.59 -7.02 14.65
CA ALA A 146 -4.60 -7.21 15.71
C ALA A 146 -4.59 -8.68 16.09
N VAL A 147 -3.49 -9.37 15.76
CA VAL A 147 -3.34 -10.78 16.07
C VAL A 147 -2.07 -10.99 16.88
N THR A 148 -1.93 -12.20 17.41
CA THR A 148 -0.73 -12.63 18.11
C THR A 148 -0.38 -14.03 17.62
N VAL A 149 0.85 -14.21 17.15
CA VAL A 149 1.27 -15.44 16.50
C VAL A 149 2.33 -16.12 17.35
N ALA A 150 2.18 -17.42 17.54
CA ALA A 150 3.16 -18.24 18.25
C ALA A 150 3.38 -19.52 17.47
N TRP A 151 4.65 -19.92 17.34
CA TRP A 151 5.03 -21.12 16.61
C TRP A 151 5.37 -22.24 17.57
N LYS A 152 5.37 -23.47 17.04
CA LYS A 152 5.73 -24.65 17.80
C LYS A 152 6.57 -25.58 16.93
N ALA A 153 7.66 -26.08 17.49
CA ALA A 153 8.40 -27.21 16.92
C ALA A 153 7.98 -28.44 17.71
N ASP A 154 7.31 -29.37 17.03
CA ASP A 154 6.59 -30.47 17.69
C ASP A 154 5.78 -29.69 18.71
N SER A 155 5.91 -30.04 19.99
CA SER A 155 5.13 -29.40 21.06
C SER A 155 5.87 -28.33 21.84
N SER A 156 7.05 -27.89 21.37
CA SER A 156 7.84 -26.91 22.08
C SER A 156 7.74 -25.55 21.40
N PRO A 157 7.60 -24.47 22.17
CA PRO A 157 7.50 -23.14 21.57
C PRO A 157 8.77 -22.76 20.83
N VAL A 158 8.60 -21.91 19.82
CA VAL A 158 9.70 -21.46 18.96
C VAL A 158 9.62 -19.95 18.83
N LYS A 159 10.74 -19.27 19.08
CA LYS A 159 10.82 -17.81 18.97
C LYS A 159 11.92 -17.36 18.03
N ALA A 160 13.09 -18.01 18.06
CA ALA A 160 14.20 -17.61 17.22
C ALA A 160 13.90 -17.91 15.76
N GLY A 161 14.04 -16.90 14.91
CA GLY A 161 13.75 -17.05 13.50
C GLY A 161 12.34 -16.67 13.10
N VAL A 162 11.56 -16.09 14.01
CA VAL A 162 10.17 -15.73 13.76
C VAL A 162 10.10 -14.24 13.49
N GLU A 163 9.43 -13.88 12.40
CA GLU A 163 9.10 -12.49 12.09
C GLU A 163 7.65 -12.42 11.64
N THR A 164 6.90 -11.48 12.19
CA THR A 164 5.48 -11.35 11.90
C THR A 164 5.18 -9.96 11.38
N THR A 165 4.39 -9.89 10.31
CA THR A 165 4.04 -8.61 9.69
C THR A 165 2.92 -7.94 10.46
N THR A 166 2.99 -6.62 10.56
CA THR A 166 1.90 -5.85 11.11
C THR A 166 0.69 -5.92 10.17
N PRO A 167 -0.51 -6.17 10.67
CA PRO A 167 -1.67 -6.31 9.79
C PRO A 167 -1.92 -5.05 8.98
N SER A 168 -2.50 -5.24 7.79
CA SER A 168 -2.86 -4.14 6.91
C SER A 168 -4.19 -4.46 6.24
N LYS A 169 -4.98 -3.41 6.01
CA LYS A 169 -6.30 -3.59 5.42
C LYS A 169 -6.18 -3.93 3.95
N GLN A 170 -6.95 -4.92 3.51
CA GLN A 170 -6.94 -5.37 2.13
C GLN A 170 -8.17 -4.85 1.40
N SER A 171 -8.39 -5.30 0.17
CA SER A 171 -9.45 -4.76 -0.67
C SER A 171 -10.84 -5.10 -0.14
N ASN A 172 -10.98 -6.17 0.66
CA ASN A 172 -12.25 -6.53 1.24
C ASN A 172 -12.51 -5.81 2.57
N ASN A 173 -11.74 -4.76 2.87
CA ASN A 173 -11.83 -4.01 4.12
C ASN A 173 -11.56 -4.87 5.34
N LYS A 174 -10.88 -6.00 5.13
CA LYS A 174 -10.39 -6.85 6.21
C LYS A 174 -8.87 -6.87 6.18
N TYR A 175 -8.29 -7.34 7.27
CA TYR A 175 -6.84 -7.27 7.46
C TYR A 175 -6.17 -8.57 7.05
N ALA A 176 -4.88 -8.46 6.73
CA ALA A 176 -4.06 -9.60 6.36
C ALA A 176 -2.66 -9.42 6.92
N ALA A 177 -2.05 -10.53 7.33
CA ALA A 177 -0.70 -10.53 7.86
C ALA A 177 -0.06 -11.87 7.54
N SER A 178 1.22 -12.00 7.90
CA SER A 178 1.94 -13.24 7.64
C SER A 178 3.13 -13.32 8.58
N SER A 179 3.33 -14.49 9.17
CA SER A 179 4.47 -14.78 10.01
C SER A 179 5.29 -15.88 9.36
N TYR A 180 6.60 -15.69 9.28
CA TYR A 180 7.47 -16.67 8.66
C TYR A 180 8.57 -17.09 9.63
N LEU A 181 8.92 -18.37 9.58
CA LEU A 181 9.93 -18.97 10.44
C LEU A 181 11.06 -19.51 9.57
N SER A 182 12.27 -19.04 9.82
CA SER A 182 13.44 -19.49 9.06
C SER A 182 14.05 -20.71 9.74
N LEU A 183 14.23 -21.78 8.97
CA LEU A 183 14.81 -23.02 9.47
C LEU A 183 15.90 -23.49 8.53
N THR A 184 16.73 -24.38 9.03
CA THR A 184 17.59 -25.15 8.14
C THR A 184 16.87 -26.40 7.69
N PRO A 185 17.21 -26.96 6.53
CA PRO A 185 16.50 -28.15 6.04
C PRO A 185 16.55 -29.35 6.98
N GLU A 186 17.54 -29.40 7.89
CA GLU A 186 17.66 -30.53 8.79
C GLU A 186 16.82 -30.38 10.05
N GLN A 187 16.63 -29.15 10.54
CA GLN A 187 15.61 -28.93 11.56
C GLN A 187 14.23 -29.29 11.04
N TRP A 188 14.00 -29.05 9.75
CA TRP A 188 12.68 -29.22 9.17
C TRP A 188 12.25 -30.68 9.13
N LYS A 189 13.19 -31.59 8.84
CA LYS A 189 12.88 -33.01 8.79
C LYS A 189 13.17 -33.73 10.10
N SER A 190 13.88 -33.10 11.04
CA SER A 190 14.18 -33.75 12.31
C SER A 190 12.94 -33.83 13.20
N HIS A 191 11.99 -32.93 13.01
CA HIS A 191 10.80 -32.86 13.85
C HIS A 191 9.63 -33.57 13.19
N ARG A 192 8.63 -33.90 14.02
CA ARG A 192 7.41 -34.49 13.51
C ARG A 192 6.57 -33.46 12.75
N SER A 193 6.51 -32.24 13.25
CA SER A 193 5.65 -31.23 12.67
C SER A 193 6.04 -29.86 13.21
N TYR A 194 5.59 -28.82 12.52
CA TYR A 194 5.66 -27.45 12.99
C TYR A 194 4.25 -26.87 12.98
N SER A 195 3.99 -25.96 13.92
CA SER A 195 2.66 -25.39 14.08
C SER A 195 2.74 -23.86 14.13
N CYS A 196 1.65 -23.23 13.69
CA CYS A 196 1.50 -21.78 13.76
C CYS A 196 0.16 -21.49 14.42
N GLN A 197 0.19 -20.89 15.61
CA GLN A 197 -1.01 -20.56 16.37
C GLN A 197 -1.29 -19.07 16.23
N VAL A 198 -2.48 -18.74 15.75
CA VAL A 198 -2.93 -17.35 15.61
C VAL A 198 -4.07 -17.11 16.59
N THR A 199 -3.92 -16.09 17.43
CA THR A 199 -4.93 -15.73 18.41
C THR A 199 -5.51 -14.38 18.02
N HIS A 200 -6.84 -14.32 17.87
CA HIS A 200 -7.53 -13.12 17.44
C HIS A 200 -8.79 -12.96 18.28
N GLU A 201 -8.84 -11.88 19.07
CA GLU A 201 -9.97 -11.59 19.96
C GLU A 201 -10.21 -12.75 20.93
N GLY A 202 -9.13 -13.20 21.57
CA GLY A 202 -9.21 -14.24 22.57
C GLY A 202 -9.49 -15.63 22.04
N SER A 203 -9.70 -15.78 20.74
CA SER A 203 -9.98 -17.08 20.13
C SER A 203 -8.82 -17.47 19.22
N THR A 204 -8.52 -18.77 19.18
CA THR A 204 -7.29 -19.28 18.60
C THR A 204 -7.58 -20.15 17.39
N VAL A 205 -6.81 -19.93 16.33
CA VAL A 205 -6.80 -20.80 15.15
C VAL A 205 -5.36 -21.28 14.95
N GLU A 206 -5.19 -22.59 14.80
CA GLU A 206 -3.87 -23.21 14.75
C GLU A 206 -3.81 -24.20 13.59
N LYS A 207 -2.67 -24.21 12.89
CA LYS A 207 -2.44 -25.09 11.75
C LYS A 207 -1.14 -25.85 11.96
N THR A 208 -1.04 -27.01 11.30
CA THR A 208 0.10 -27.91 11.47
C THR A 208 0.47 -28.52 10.12
N VAL A 209 1.77 -28.54 9.82
CA VAL A 209 2.29 -29.15 8.61
C VAL A 209 3.41 -30.12 8.98
N ALA A 210 3.75 -30.98 8.04
CA ALA A 210 4.74 -32.04 8.23
C ALA A 210 5.60 -32.13 6.98
N PRO A 211 6.80 -32.70 7.09
CA PRO A 211 7.68 -32.82 5.92
C PRO A 211 7.04 -33.59 4.77
N THR A 212 7.57 -33.34 3.57
CA THR A 212 7.06 -33.84 2.29
C THR A 212 5.54 -34.09 2.26
N SER B 2 -3.96 2.31 -10.36
CA SER B 2 -3.87 3.76 -10.50
C SER B 2 -3.49 4.15 -11.92
N ALA B 3 -4.12 5.23 -12.43
CA ALA B 3 -3.83 5.67 -13.79
C ALA B 3 -2.42 6.24 -13.91
N LEU B 4 -1.86 6.75 -12.82
CA LEU B 4 -0.50 7.27 -12.80
C LEU B 4 0.39 6.30 -12.04
N THR B 5 1.55 5.99 -12.62
CA THR B 5 2.45 4.98 -12.08
C THR B 5 3.71 5.66 -11.57
N GLN B 6 4.00 5.49 -10.29
CA GLN B 6 5.24 5.95 -9.67
C GLN B 6 6.00 4.74 -9.13
N GLU B 7 7.32 4.85 -9.12
CA GLU B 7 8.13 3.81 -8.51
C GLU B 7 7.91 3.79 -7.00
N ALA B 8 8.13 2.62 -6.40
CA ALA B 8 7.82 2.45 -4.98
C ALA B 8 8.80 3.19 -4.09
N SER B 9 10.10 3.04 -4.36
CA SER B 9 11.12 3.63 -3.51
C SER B 9 12.22 4.23 -4.36
N VAL B 10 12.73 5.39 -3.93
CA VAL B 10 13.85 6.07 -4.58
C VAL B 10 14.70 6.68 -3.46
N SER B 11 15.94 6.21 -3.33
CA SER B 11 16.76 6.55 -2.18
C SER B 11 18.17 6.93 -2.63
N GLY B 12 18.99 7.29 -1.65
CA GLY B 12 20.36 7.69 -1.91
C GLY B 12 20.93 8.38 -0.69
N THR B 13 22.23 8.64 -0.76
CA THR B 13 22.90 9.35 0.33
C THR B 13 22.69 10.85 0.19
N VAL B 14 23.23 11.60 1.13
CA VAL B 14 23.02 13.05 1.16
C VAL B 14 23.91 13.70 0.10
N GLY B 15 23.35 14.70 -0.58
CA GLY B 15 24.02 15.37 -1.67
C GLY B 15 23.93 14.65 -3.00
N GLN B 16 23.16 13.58 -3.09
CA GLN B 16 23.08 12.77 -4.29
C GLN B 16 21.95 13.24 -5.19
N LYS B 17 22.18 13.17 -6.49
CA LYS B 17 21.15 13.52 -7.47
C LYS B 17 20.14 12.38 -7.58
N VAL B 18 18.86 12.69 -7.37
CA VAL B 18 17.82 11.68 -7.30
C VAL B 18 16.66 12.10 -8.20
N THR B 19 15.98 11.11 -8.78
CA THR B 19 14.97 11.38 -9.78
C THR B 19 13.77 10.45 -9.61
N LEU B 20 12.58 11.03 -9.54
CA LEU B 20 11.33 10.30 -9.49
C LEU B 20 10.61 10.45 -10.82
N SER B 21 9.76 9.48 -11.14
CA SER B 21 9.00 9.50 -12.39
C SER B 21 7.52 9.29 -12.10
N CYS B 22 6.71 9.63 -13.10
CA CYS B 22 5.25 9.56 -12.99
C CYS B 22 4.72 9.31 -14.40
N THR B 23 4.23 8.10 -14.65
CA THR B 23 3.88 7.66 -15.98
C THR B 23 2.37 7.51 -16.12
N GLY B 24 1.82 8.09 -17.18
CA GLY B 24 0.41 7.98 -17.47
C GLY B 24 0.14 7.77 -18.95
N ASN B 25 -0.91 8.39 -19.48
CA ASN B 25 -1.19 8.29 -20.91
C ASN B 25 -1.40 9.68 -21.52
N THR B 26 -1.91 9.72 -22.75
CA THR B 26 -2.11 10.99 -23.44
C THR B 26 -3.21 11.83 -22.81
N ASN B 27 -4.16 11.20 -22.12
CA ASN B 27 -5.31 11.92 -21.57
C ASN B 27 -5.06 12.52 -20.18
N ASN B 28 -3.89 12.26 -19.58
CA ASN B 28 -3.57 12.89 -18.31
C ASN B 28 -2.26 13.67 -18.40
N ILE B 29 -1.13 12.96 -18.28
CA ILE B 29 0.16 13.63 -18.26
C ILE B 29 0.53 14.18 -19.63
N GLY B 30 0.12 13.49 -20.71
CA GLY B 30 0.44 13.94 -22.05
C GLY B 30 -0.21 15.24 -22.46
N SER B 31 -1.11 15.79 -21.65
CA SER B 31 -1.79 17.02 -22.04
C SER B 31 -2.16 17.94 -20.87
N TYR B 32 -1.82 17.59 -19.65
CA TYR B 32 -2.19 18.44 -18.54
C TYR B 32 -1.03 18.68 -17.63
N PRO B 33 -1.09 19.86 -16.93
CA PRO B 33 0.06 20.07 -16.04
C PRO B 33 0.13 19.08 -14.91
N VAL B 34 1.32 18.79 -14.45
CA VAL B 34 1.50 17.84 -13.40
C VAL B 34 1.99 18.47 -12.12
N GLY B 35 1.37 18.10 -11.03
CA GLY B 35 1.74 18.61 -9.73
C GLY B 35 2.35 17.50 -8.91
N TRP B 36 3.26 17.88 -8.04
CA TRP B 36 3.93 16.95 -7.17
C TRP B 36 3.70 17.45 -5.78
N TYR B 37 3.28 16.58 -4.90
CA TYR B 37 3.04 16.97 -3.52
C TYR B 37 3.82 16.14 -2.56
N GLN B 38 4.33 16.77 -1.51
CA GLN B 38 5.18 16.08 -0.55
C GLN B 38 4.48 15.98 0.79
N GLN B 39 4.60 14.82 1.44
CA GLN B 39 4.01 14.59 2.75
C GLN B 39 5.01 13.88 3.64
N ILE B 40 5.35 14.51 4.77
CA ILE B 40 6.29 13.95 5.73
C ILE B 40 5.51 13.30 6.87
N SER B 41 5.87 12.07 7.21
CA SER B 41 5.18 11.30 8.25
C SER B 41 3.72 11.42 7.85
N HIS B 42 2.88 11.91 8.77
CA HIS B 42 1.48 12.18 8.48
C HIS B 42 1.15 13.67 8.47
N GLY B 43 2.14 14.53 8.31
CA GLY B 43 1.94 15.95 8.37
C GLY B 43 1.21 16.47 7.14
N PRO B 44 1.01 17.78 7.11
CA PRO B 44 0.25 18.39 6.01
C PRO B 44 1.01 18.32 4.71
N PRO B 45 0.38 17.82 3.65
CA PRO B 45 1.02 17.85 2.32
C PRO B 45 1.19 19.28 1.84
N LYS B 46 2.23 19.49 1.04
CA LYS B 46 2.53 20.79 0.48
C LYS B 46 3.01 20.63 -0.96
N THR B 47 2.59 21.54 -1.83
CA THR B 47 3.00 21.49 -3.22
C THR B 47 4.46 21.87 -3.36
N VAL B 48 5.24 21.00 -4.00
CA VAL B 48 6.65 21.28 -4.23
C VAL B 48 6.98 21.45 -5.70
N MET B 49 6.09 21.09 -6.61
CA MET B 49 6.32 21.30 -8.04
C MET B 49 4.98 21.24 -8.75
N PHE B 50 4.76 22.20 -9.65
CA PHE B 50 3.55 22.21 -10.46
C PHE B 50 3.88 22.82 -11.82
N GLY B 51 3.54 22.08 -12.88
CA GLY B 51 3.78 22.56 -14.23
C GLY B 51 5.23 22.94 -14.50
N ASN B 52 6.17 22.15 -13.99
CA ASN B 52 7.60 22.41 -14.10
C ASN B 52 7.99 23.76 -13.50
N SER B 53 7.13 24.31 -12.65
CA SER B 53 7.34 25.62 -12.04
C SER B 53 7.60 25.47 -10.55
N LEU B 54 8.66 26.11 -10.07
CA LEU B 54 9.08 25.96 -8.69
C LEU B 54 8.29 26.90 -7.79
N PRO B 55 7.54 26.38 -6.82
CA PRO B 55 6.74 27.26 -5.96
C PRO B 55 7.61 28.06 -4.99
N SER B 56 7.10 29.24 -4.63
CA SER B 56 7.81 30.10 -3.68
C SER B 56 8.00 29.39 -2.35
N GLY B 57 9.24 29.43 -1.83
CA GLY B 57 9.57 28.82 -0.57
C GLY B 57 10.28 27.49 -0.69
N ILE B 58 10.11 26.78 -1.81
CA ILE B 58 10.75 25.50 -2.04
C ILE B 58 12.14 25.79 -2.63
N PRO B 59 13.16 25.02 -2.26
CA PRO B 59 14.50 25.25 -2.82
C PRO B 59 14.61 24.76 -4.25
N ASP B 60 15.47 25.42 -5.02
CA ASP B 60 15.64 25.14 -6.44
C ASP B 60 16.43 23.86 -6.71
N ARG B 61 16.74 23.08 -5.67
CA ARG B 61 17.21 21.71 -5.88
C ARG B 61 16.14 20.86 -6.55
N PHE B 62 14.87 21.22 -6.38
CA PHE B 62 13.76 20.53 -7.01
C PHE B 62 13.54 21.10 -8.41
N SER B 63 13.43 20.21 -9.39
CA SER B 63 13.18 20.61 -10.76
C SER B 63 12.32 19.56 -11.43
N GLY B 64 11.36 20.01 -12.22
CA GLY B 64 10.41 19.12 -12.89
C GLY B 64 10.50 19.26 -14.39
N SER B 65 10.41 18.12 -15.08
CA SER B 65 10.38 18.09 -16.54
C SER B 65 9.35 17.07 -16.98
N LYS B 66 9.07 17.05 -18.28
CA LYS B 66 8.08 16.14 -18.83
C LYS B 66 8.43 15.79 -20.26
N SER B 67 8.36 14.51 -20.59
CA SER B 67 8.62 14.03 -21.95
C SER B 67 7.54 13.00 -22.29
N GLY B 68 6.60 13.39 -23.15
CA GLY B 68 5.53 12.50 -23.54
C GLY B 68 4.55 12.23 -22.42
N THR B 69 4.38 10.96 -22.06
CA THR B 69 3.45 10.55 -21.01
C THR B 69 4.16 10.26 -19.69
N THR B 70 5.35 10.82 -19.48
CA THR B 70 6.13 10.59 -18.27
C THR B 70 6.64 11.92 -17.75
N ALA B 71 6.17 12.31 -16.57
CA ALA B 71 6.69 13.48 -15.86
C ALA B 71 7.72 13.03 -14.84
N SER B 72 8.60 13.96 -14.47
CA SER B 72 9.71 13.63 -13.59
C SER B 72 9.92 14.74 -12.57
N LEU B 73 10.42 14.34 -11.40
CA LEU B 73 10.78 15.28 -10.34
C LEU B 73 12.21 14.94 -9.91
N THR B 74 13.13 15.86 -10.17
CA THR B 74 14.54 15.67 -9.88
C THR B 74 14.93 16.48 -8.66
N ILE B 75 15.64 15.83 -7.73
CA ILE B 75 16.12 16.47 -6.51
C ILE B 75 17.64 16.48 -6.57
N SER B 76 18.22 17.60 -7.00
CA SER B 76 19.67 17.74 -7.13
C SER B 76 20.22 18.16 -5.77
N GLY B 77 20.79 17.20 -5.05
CA GLY B 77 21.29 17.47 -3.72
C GLY B 77 20.35 16.97 -2.65
N LEU B 78 20.16 15.65 -2.60
CA LEU B 78 19.25 15.05 -1.63
C LEU B 78 19.69 15.40 -0.21
N GLN B 79 18.75 15.86 0.59
CA GLN B 79 19.00 16.30 1.96
C GLN B 79 18.06 15.58 2.91
N PRO B 80 18.44 15.48 4.20
CA PRO B 80 17.60 14.74 5.15
C PRO B 80 16.18 15.26 5.27
N GLU B 81 15.95 16.56 5.09
CA GLU B 81 14.59 17.09 5.23
C GLU B 81 13.69 16.72 4.05
N ASP B 82 14.21 16.02 3.05
CA ASP B 82 13.40 15.60 1.91
C ASP B 82 12.78 14.23 2.11
N GLU B 83 13.18 13.49 3.14
CA GLU B 83 12.65 12.16 3.40
C GLU B 83 11.14 12.22 3.60
N ALA B 84 10.38 11.79 2.60
CA ALA B 84 8.93 11.91 2.64
C ALA B 84 8.35 11.05 1.52
N ASP B 85 7.02 10.97 1.49
CA ASP B 85 6.30 10.36 0.39
C ASP B 85 5.90 11.44 -0.61
N TYR B 86 6.09 11.15 -1.90
CA TYR B 86 5.81 12.10 -2.96
C TYR B 86 4.74 11.54 -3.88
N TYR B 87 3.67 12.32 -4.07
CA TYR B 87 2.56 11.93 -4.93
C TYR B 87 2.49 12.88 -6.12
N CYS B 88 2.27 12.30 -7.31
CA CYS B 88 2.04 13.08 -8.52
C CYS B 88 0.56 12.98 -8.90
N SER B 89 0.07 14.02 -9.58
CA SER B 89 -1.33 14.04 -9.95
C SER B 89 -1.54 14.98 -11.14
N THR B 90 -2.59 14.74 -11.88
CA THR B 90 -2.95 15.57 -12.99
C THR B 90 -4.42 15.34 -13.30
N TRP B 91 -4.99 16.12 -14.20
CA TRP B 91 -6.36 15.97 -14.65
C TRP B 91 -6.42 14.89 -15.72
N ASP B 92 -7.47 14.08 -15.69
CA ASP B 92 -7.64 12.97 -16.62
C ASP B 92 -8.93 13.23 -17.41
N SER B 93 -8.78 13.79 -18.60
CA SER B 93 -9.95 14.15 -19.40
C SER B 93 -10.74 12.94 -19.85
N SER B 94 -10.08 11.78 -19.97
CA SER B 94 -10.78 10.57 -20.35
C SER B 94 -11.76 10.13 -19.28
N LEU B 95 -11.44 10.40 -18.01
CA LEU B 95 -12.34 10.11 -16.90
C LEU B 95 -12.95 11.37 -16.29
N SER B 96 -12.50 12.55 -16.70
CA SER B 96 -13.03 13.83 -16.21
C SER B 96 -12.95 13.93 -14.69
N VAL B 97 -11.73 13.73 -14.18
CA VAL B 97 -11.49 13.77 -12.75
C VAL B 97 -9.99 13.93 -12.53
N GLN B 98 -9.64 14.59 -11.43
CA GLN B 98 -8.25 14.55 -10.96
C GLN B 98 -7.85 13.10 -10.71
N VAL B 99 -6.57 12.82 -10.88
CA VAL B 99 -6.06 11.46 -10.78
C VAL B 99 -4.68 11.50 -10.15
N ILE B 100 -4.42 10.57 -9.22
CA ILE B 100 -3.25 10.62 -8.36
C ILE B 100 -2.54 9.27 -8.42
N GLY B 101 -1.20 9.30 -8.42
CA GLY B 101 -0.42 8.09 -8.41
C GLY B 101 -0.30 7.47 -7.02
N GLY B 102 0.31 6.28 -6.98
CA GLY B 102 0.41 5.53 -5.74
C GLY B 102 1.39 6.10 -4.75
N GLY B 103 2.28 6.99 -5.18
CA GLY B 103 3.22 7.61 -4.28
C GLY B 103 4.57 6.91 -4.28
N THR B 104 5.61 7.68 -4.04
CA THR B 104 6.98 7.18 -3.98
C THR B 104 7.59 7.58 -2.64
N LYS B 105 8.14 6.60 -1.92
CA LYS B 105 8.83 6.86 -0.67
C LYS B 105 10.29 7.19 -0.99
N VAL B 106 10.69 8.43 -0.69
CA VAL B 106 12.06 8.88 -0.90
C VAL B 106 12.78 8.84 0.43
N THR B 107 13.82 8.02 0.52
CA THR B 107 14.52 7.74 1.77
C THR B 107 15.95 8.25 1.70
N VAL B 108 16.38 8.90 2.77
CA VAL B 108 17.79 9.23 2.96
C VAL B 108 18.44 8.06 3.69
N LEU B 109 19.42 7.43 3.04
CA LEU B 109 19.94 6.16 3.52
C LEU B 109 20.71 6.35 4.83
N GLY B 110 20.19 5.77 5.91
CA GLY B 110 20.91 5.63 7.15
C GLY B 110 21.45 4.24 7.39
N GLN B 111 21.33 3.35 6.41
CA GLN B 111 21.78 1.96 6.52
C GLN B 111 21.93 1.41 5.10
N PRO B 112 22.65 0.31 4.93
CA PRO B 112 22.87 -0.21 3.57
C PRO B 112 21.57 -0.56 2.89
N LYS B 113 21.46 -0.16 1.62
CA LYS B 113 20.33 -0.57 0.79
C LYS B 113 20.37 -2.09 0.59
N ALA B 114 19.20 -2.72 0.70
CA ALA B 114 19.11 -4.18 0.65
C ALA B 114 17.99 -4.58 -0.30
N ALA B 115 18.34 -5.40 -1.29
CA ALA B 115 17.34 -5.96 -2.19
C ALA B 115 16.54 -7.04 -1.46
N PRO B 116 15.29 -7.26 -1.84
CA PRO B 116 14.45 -8.21 -1.12
C PRO B 116 14.70 -9.65 -1.53
N SER B 117 14.48 -10.54 -0.56
CA SER B 117 14.45 -11.97 -0.83
C SER B 117 13.02 -12.37 -1.18
N VAL B 118 12.86 -13.08 -2.30
CA VAL B 118 11.55 -13.46 -2.80
C VAL B 118 11.45 -14.98 -2.78
N THR B 119 10.46 -15.49 -2.07
CA THR B 119 10.20 -16.92 -1.99
C THR B 119 8.74 -17.16 -2.35
N LEU B 120 8.51 -17.98 -3.38
CA LEU B 120 7.17 -18.25 -3.88
C LEU B 120 6.71 -19.62 -3.40
N PHE B 121 5.53 -19.68 -2.81
CA PHE B 121 5.01 -20.90 -2.22
C PHE B 121 3.81 -21.40 -3.01
N PRO B 122 3.82 -22.64 -3.49
CA PRO B 122 2.65 -23.19 -4.17
C PRO B 122 1.61 -23.61 -3.16
N PRO B 123 0.38 -23.91 -3.61
CA PRO B 123 -0.63 -24.41 -2.68
C PRO B 123 -0.23 -25.77 -2.12
N SER B 124 -0.32 -25.89 -0.79
CA SER B 124 -0.04 -27.17 -0.15
C SER B 124 -1.12 -28.18 -0.51
N SER B 125 -0.76 -29.47 -0.40
CA SER B 125 -1.73 -30.52 -0.70
C SER B 125 -2.86 -30.55 0.33
N GLU B 126 -2.59 -30.11 1.56
CA GLU B 126 -3.65 -30.01 2.55
C GLU B 126 -4.73 -29.02 2.09
N GLU B 127 -4.31 -27.86 1.58
CA GLU B 127 -5.27 -26.86 1.14
C GLU B 127 -6.03 -27.33 -0.10
N LEU B 128 -5.34 -28.01 -1.02
CA LEU B 128 -6.00 -28.49 -2.23
C LEU B 128 -6.92 -29.67 -1.92
N GLN B 129 -6.61 -30.46 -0.91
CA GLN B 129 -7.53 -31.49 -0.44
C GLN B 129 -8.79 -30.89 0.19
N ALA B 130 -8.77 -29.59 0.50
CA ALA B 130 -9.95 -28.87 0.96
C ALA B 130 -10.61 -28.09 -0.16
N ASN B 131 -10.25 -28.37 -1.42
CA ASN B 131 -10.77 -27.67 -2.59
C ASN B 131 -10.46 -26.18 -2.53
N LYS B 132 -9.26 -25.84 -2.09
CA LYS B 132 -8.79 -24.46 -2.03
C LYS B 132 -7.38 -24.39 -2.56
N ALA B 133 -6.97 -23.20 -3.01
CA ALA B 133 -5.65 -22.99 -3.57
C ALA B 133 -5.23 -21.55 -3.35
N THR B 134 -4.09 -21.36 -2.68
CA THR B 134 -3.54 -20.04 -2.43
C THR B 134 -2.04 -20.07 -2.62
N LEU B 135 -1.50 -19.04 -3.27
CA LEU B 135 -0.07 -18.86 -3.44
C LEU B 135 0.40 -17.67 -2.63
N VAL B 136 1.54 -17.81 -1.98
CA VAL B 136 2.11 -16.74 -1.17
C VAL B 136 3.51 -16.40 -1.69
N CYS B 137 3.80 -15.11 -1.77
CA CYS B 137 5.09 -14.62 -2.25
C CYS B 137 5.73 -13.82 -1.11
N LEU B 138 6.67 -14.46 -0.41
CA LEU B 138 7.30 -13.84 0.74
C LEU B 138 8.39 -12.86 0.30
N ILE B 139 8.30 -11.63 0.77
CA ILE B 139 9.23 -10.56 0.44
C ILE B 139 9.87 -10.11 1.75
N SER B 140 11.14 -10.43 1.94
CA SER B 140 11.80 -10.22 3.22
C SER B 140 13.16 -9.56 3.03
N ASP B 141 13.60 -8.87 4.09
CA ASP B 141 14.95 -8.33 4.20
C ASP B 141 15.26 -7.33 3.08
N PHE B 142 14.44 -6.28 3.00
CA PHE B 142 14.66 -5.22 2.03
C PHE B 142 14.58 -3.86 2.70
N TYR B 143 15.40 -2.94 2.21
CA TYR B 143 15.41 -1.56 2.66
C TYR B 143 15.77 -0.65 1.48
N PRO B 144 15.05 0.46 1.31
CA PRO B 144 13.91 0.93 2.11
C PRO B 144 12.66 0.06 1.98
N GLY B 145 11.71 0.25 2.88
CA GLY B 145 10.54 -0.59 2.93
C GLY B 145 9.43 -0.19 1.98
N ALA B 146 9.63 -0.42 0.69
CA ALA B 146 8.60 -0.14 -0.31
C ALA B 146 8.93 -0.94 -1.56
N VAL B 147 7.99 -1.75 -2.04
CA VAL B 147 8.21 -2.58 -3.22
C VAL B 147 6.97 -2.60 -4.08
N THR B 148 7.15 -3.03 -5.33
CA THR B 148 6.08 -3.21 -6.29
C THR B 148 5.97 -4.68 -6.64
N VAL B 149 4.76 -5.21 -6.57
CA VAL B 149 4.51 -6.63 -6.79
C VAL B 149 3.57 -6.80 -7.97
N ALA B 150 3.91 -7.74 -8.86
CA ALA B 150 3.10 -8.07 -10.01
C ALA B 150 3.07 -9.59 -10.17
N TRP B 151 1.92 -10.12 -10.57
CA TRP B 151 1.72 -11.55 -10.72
C TRP B 151 1.45 -11.89 -12.18
N LYS B 152 1.83 -13.10 -12.56
CA LYS B 152 1.64 -13.58 -13.92
C LYS B 152 1.08 -15.00 -13.90
N ALA B 153 -0.02 -15.19 -14.61
CA ALA B 153 -0.56 -16.53 -14.87
C ALA B 153 0.06 -17.04 -16.16
N ASP B 154 0.75 -18.19 -16.06
CA ASP B 154 1.66 -18.62 -17.12
C ASP B 154 2.46 -17.33 -17.30
N SER B 155 2.52 -16.83 -18.55
CA SER B 155 3.29 -15.64 -18.86
C SER B 155 2.43 -14.44 -19.22
N SER B 156 1.23 -14.36 -18.64
CA SER B 156 0.32 -13.24 -18.81
C SER B 156 -0.04 -12.65 -17.45
N PRO B 157 -0.13 -11.33 -17.33
CA PRO B 157 -0.35 -10.72 -16.02
C PRO B 157 -1.73 -11.03 -15.47
N VAL B 158 -1.81 -11.09 -14.14
CA VAL B 158 -3.06 -11.34 -13.42
C VAL B 158 -3.61 -10.00 -12.97
N LYS B 159 -4.78 -9.62 -13.49
CA LYS B 159 -5.34 -8.29 -13.28
C LYS B 159 -6.42 -8.27 -12.20
N ALA B 160 -6.49 -9.31 -11.36
CA ALA B 160 -7.49 -9.35 -10.30
C ALA B 160 -7.13 -10.45 -9.31
N GLY B 161 -7.48 -10.23 -8.06
CA GLY B 161 -7.29 -11.21 -7.01
C GLY B 161 -6.01 -11.08 -6.21
N VAL B 162 -5.22 -10.04 -6.45
CA VAL B 162 -3.93 -9.86 -5.78
C VAL B 162 -4.14 -9.04 -4.52
N GLU B 163 -3.53 -9.48 -3.42
CA GLU B 163 -3.55 -8.76 -2.16
C GLU B 163 -2.13 -8.68 -1.63
N THR B 164 -1.61 -7.47 -1.47
CA THR B 164 -0.25 -7.24 -0.99
C THR B 164 -0.30 -6.44 0.29
N THR B 165 0.40 -6.93 1.31
CA THR B 165 0.41 -6.28 2.62
C THR B 165 1.34 -5.07 2.61
N THR B 166 1.05 -4.13 3.50
CA THR B 166 1.92 -2.98 3.68
C THR B 166 3.23 -3.43 4.33
N PRO B 167 4.38 -2.99 3.82
CA PRO B 167 5.66 -3.41 4.41
C PRO B 167 5.74 -3.04 5.88
N SER B 168 6.31 -3.94 6.68
CA SER B 168 6.47 -3.74 8.11
C SER B 168 7.91 -4.06 8.50
N LYS B 169 8.42 -3.30 9.47
CA LYS B 169 9.80 -3.46 9.91
C LYS B 169 9.93 -4.63 10.86
N GLN B 170 10.89 -5.51 10.59
CA GLN B 170 11.13 -6.68 11.42
C GLN B 170 12.30 -6.42 12.38
N SER B 171 12.81 -7.50 12.99
CA SER B 171 13.76 -7.35 14.07
C SER B 171 15.16 -6.97 13.59
N ASN B 172 15.51 -7.26 12.33
CA ASN B 172 16.81 -6.88 11.80
C ASN B 172 16.82 -5.48 11.19
N ASN B 173 15.76 -4.72 11.40
CA ASN B 173 15.56 -3.35 10.91
C ASN B 173 15.36 -3.28 9.39
N LYS B 174 15.31 -4.42 8.70
CA LYS B 174 14.86 -4.44 7.32
C LYS B 174 13.34 -4.63 7.32
N TYR B 175 12.75 -4.67 6.13
CA TYR B 175 11.31 -4.75 6.00
C TYR B 175 10.87 -6.09 5.41
N ALA B 176 9.60 -6.41 5.62
CA ALA B 176 9.01 -7.64 5.11
C ALA B 176 7.57 -7.38 4.69
N ALA B 177 7.10 -8.15 3.71
CA ALA B 177 5.75 -8.02 3.21
C ALA B 177 5.31 -9.36 2.62
N SER B 178 4.03 -9.43 2.27
CA SER B 178 3.46 -10.64 1.69
C SER B 178 2.47 -10.25 0.59
N SER B 179 2.44 -11.07 -0.46
CA SER B 179 1.47 -10.94 -1.54
C SER B 179 0.89 -12.31 -1.82
N TYR B 180 -0.41 -12.46 -1.60
CA TYR B 180 -1.05 -13.75 -1.79
C TYR B 180 -2.10 -13.67 -2.89
N LEU B 181 -2.37 -14.82 -3.50
CA LEU B 181 -3.28 -14.91 -4.64
C LEU B 181 -4.18 -16.12 -4.43
N SER B 182 -5.47 -15.89 -4.27
CA SER B 182 -6.42 -16.98 -4.06
C SER B 182 -6.86 -17.56 -5.41
N LEU B 183 -6.76 -18.87 -5.54
CA LEU B 183 -7.19 -19.56 -6.75
C LEU B 183 -8.11 -20.73 -6.41
N THR B 184 -8.46 -21.51 -7.42
CA THR B 184 -9.13 -22.79 -7.25
C THR B 184 -8.23 -23.89 -7.76
N PRO B 185 -8.42 -25.14 -7.31
CA PRO B 185 -7.59 -26.23 -7.83
C PRO B 185 -7.68 -26.40 -9.34
N GLU B 186 -8.76 -25.92 -9.96
CA GLU B 186 -8.90 -26.08 -11.41
C GLU B 186 -7.92 -25.20 -12.17
N GLN B 187 -7.62 -24.01 -11.64
CA GLN B 187 -6.72 -23.09 -12.33
C GLN B 187 -5.26 -23.46 -12.09
N TRP B 188 -4.92 -23.85 -10.86
CA TRP B 188 -3.54 -24.17 -10.52
C TRP B 188 -3.00 -25.32 -11.37
N LYS B 189 -3.86 -26.29 -11.70
CA LYS B 189 -3.44 -27.42 -12.52
C LYS B 189 -3.48 -27.09 -14.01
N SER B 190 -4.44 -26.25 -14.43
CA SER B 190 -4.59 -25.95 -15.85
C SER B 190 -3.46 -25.07 -16.36
N HIS B 191 -2.91 -24.20 -15.52
CA HIS B 191 -1.80 -23.35 -15.91
C HIS B 191 -0.49 -24.08 -15.74
N ARG B 192 0.47 -23.74 -16.60
CA ARG B 192 1.78 -24.37 -16.54
C ARG B 192 2.64 -23.80 -15.42
N SER B 193 2.45 -22.52 -15.09
CA SER B 193 3.25 -21.88 -14.05
C SER B 193 2.56 -20.60 -13.59
N TYR B 194 2.97 -20.14 -12.42
CA TYR B 194 2.58 -18.83 -11.90
C TYR B 194 3.84 -18.12 -11.43
N SER B 195 3.79 -16.78 -11.47
CA SER B 195 4.97 -15.98 -11.19
C SER B 195 4.64 -14.81 -10.28
N CYS B 196 5.58 -14.50 -9.38
CA CYS B 196 5.53 -13.32 -8.54
C CYS B 196 6.76 -12.47 -8.83
N GLN B 197 6.55 -11.20 -9.17
CA GLN B 197 7.63 -10.28 -9.55
C GLN B 197 7.67 -9.12 -8.57
N VAL B 198 8.81 -8.92 -7.94
CA VAL B 198 8.99 -7.88 -6.93
C VAL B 198 10.04 -6.89 -7.45
N THR B 199 9.67 -5.61 -7.45
CA THR B 199 10.57 -4.53 -7.88
C THR B 199 10.95 -3.68 -6.68
N HIS B 200 12.25 -3.52 -6.46
CA HIS B 200 12.78 -2.70 -5.38
C HIS B 200 13.89 -1.82 -5.95
N GLU B 201 13.52 -0.60 -6.33
CA GLU B 201 14.44 0.38 -6.91
C GLU B 201 15.02 -0.22 -8.18
N GLY B 202 16.35 -0.38 -8.30
CA GLY B 202 16.93 -0.94 -9.50
C GLY B 202 16.93 -2.44 -9.60
N SER B 203 16.38 -3.14 -8.63
CA SER B 203 16.38 -4.60 -8.60
C SER B 203 14.98 -5.12 -8.85
N THR B 204 14.87 -6.14 -9.71
CA THR B 204 13.60 -6.81 -9.99
C THR B 204 13.82 -8.31 -9.90
N VAL B 205 13.10 -8.96 -8.99
CA VAL B 205 13.23 -10.40 -8.76
C VAL B 205 11.88 -11.04 -9.05
N GLU B 206 11.90 -12.13 -9.84
CA GLU B 206 10.70 -12.85 -10.21
C GLU B 206 10.91 -14.33 -9.96
N LYS B 207 10.02 -14.94 -9.18
CA LYS B 207 10.04 -16.37 -8.90
C LYS B 207 8.88 -17.05 -9.60
N THR B 208 9.06 -18.33 -9.92
CA THR B 208 8.08 -19.09 -10.68
C THR B 208 7.93 -20.48 -10.08
N VAL B 209 6.68 -20.93 -9.96
CA VAL B 209 6.36 -22.26 -9.47
C VAL B 209 5.37 -22.91 -10.43
N ALA B 210 5.23 -24.22 -10.31
CA ALA B 210 4.39 -25.00 -11.20
C ALA B 210 3.73 -26.11 -10.40
N PRO B 211 2.59 -26.62 -10.88
CA PRO B 211 1.95 -27.77 -10.21
C PRO B 211 2.86 -29.00 -10.24
N THR B 212 2.72 -29.82 -9.21
CA THR B 212 3.55 -31.01 -9.06
C THR B 212 3.35 -32.01 -10.19
#